data_2ECR
#
_entry.id   2ECR
#
_cell.length_a   41.455
_cell.length_b   44.014
_cell.length_c   74.930
_cell.angle_alpha   90.00
_cell.angle_beta   92.89
_cell.angle_gamma   90.00
#
_symmetry.space_group_name_H-M   'P 1 21 1'
#
loop_
_entity.id
_entity.type
_entity.pdbx_description
1 polymer 'flavin reductase component (HpaC) of 4-hydroxyphenylacetate 3-monooxygenase'
2 water water
#
_entity_poly.entity_id   1
_entity_poly.type   'polypeptide(L)'
_entity_poly.pdbx_seq_one_letter_code
;MKEAFKEALARFASGVTVVAARLGEEERGMTATAFMSLSLEPPLVALAVSERAKLLPVLEGAGAFTVSLLREGQEAVSEH
FAGRPKEGIALEEGRVKGALAVLRCRLHALYPGGDHRIVVGLVEEVELGEGGPPLVYFQRGYRRLVWPS
;
_entity_poly.pdbx_strand_id   A,B
#
# COMPACT_ATOMS: atom_id res chain seq x y z
N MET A 1 21.33 7.72 6.87
CA MET A 1 20.42 8.81 6.42
C MET A 1 18.96 8.34 6.47
N LYS A 2 18.05 9.31 6.57
CA LYS A 2 16.62 9.03 6.60
C LYS A 2 16.17 8.01 7.65
N GLU A 3 16.83 7.99 8.80
CA GLU A 3 16.45 7.04 9.85
C GLU A 3 15.00 7.18 10.33
N ALA A 4 14.55 8.40 10.58
CA ALA A 4 13.18 8.60 11.05
C ALA A 4 12.16 8.20 9.99
N PHE A 5 12.44 8.56 8.74
CA PHE A 5 11.56 8.22 7.63
C PHE A 5 11.45 6.71 7.46
N LYS A 6 12.58 6.03 7.55
CA LYS A 6 12.61 4.58 7.42
C LYS A 6 11.85 3.92 8.56
N GLU A 7 11.93 4.52 9.75
CA GLU A 7 11.22 4.00 10.91
C GLU A 7 9.71 4.22 10.73
N ALA A 8 9.33 5.35 10.14
CA ALA A 8 7.91 5.62 9.92
C ALA A 8 7.36 4.60 8.94
N LEU A 9 8.12 4.29 7.90
CA LEU A 9 7.68 3.31 6.91
C LEU A 9 7.60 1.92 7.50
N ALA A 10 8.49 1.63 8.46
CA ALA A 10 8.51 0.33 9.11
C ALA A 10 7.27 0.19 9.99
N ARG A 11 6.55 1.29 10.18
CA ARG A 11 5.35 1.26 10.99
C ARG A 11 4.07 1.18 10.19
N PHE A 12 4.20 0.97 8.88
CA PHE A 12 3.01 0.81 8.04
C PHE A 12 2.96 -0.67 7.70
N ALA A 13 1.99 -1.37 8.28
CA ALA A 13 1.83 -2.79 8.04
C ALA A 13 1.28 -3.02 6.64
N SER A 14 1.63 -4.14 6.04
CA SER A 14 1.14 -4.43 4.71
C SER A 14 1.23 -5.91 4.41
N GLY A 15 0.47 -6.34 3.41
CA GLY A 15 0.54 -7.72 2.99
C GLY A 15 1.81 -7.80 2.15
N VAL A 16 2.08 -8.95 1.57
CA VAL A 16 3.29 -9.12 0.76
C VAL A 16 2.89 -9.72 -0.58
N THR A 17 3.40 -9.16 -1.66
CA THR A 17 3.08 -9.67 -2.98
C THR A 17 4.33 -10.06 -3.74
N VAL A 18 4.11 -10.79 -4.83
CA VAL A 18 5.19 -11.16 -5.72
C VAL A 18 4.69 -10.70 -7.08
N VAL A 19 5.44 -9.79 -7.69
CA VAL A 19 5.07 -9.26 -8.99
C VAL A 19 5.89 -10.04 -10.00
N ALA A 20 5.26 -10.48 -11.09
CA ALA A 20 5.99 -11.25 -12.08
C ALA A 20 5.62 -10.89 -13.51
N ALA A 21 6.57 -11.09 -14.43
CA ALA A 21 6.33 -10.81 -15.84
C ALA A 21 7.23 -11.70 -16.69
N ARG A 22 6.80 -11.92 -17.92
CA ARG A 22 7.57 -12.72 -18.86
C ARG A 22 7.68 -12.01 -20.19
N LEU A 23 8.90 -11.95 -20.72
CA LEU A 23 9.18 -11.32 -21.99
C LEU A 23 10.04 -12.29 -22.78
N GLY A 24 9.48 -12.90 -23.82
CA GLY A 24 10.23 -13.85 -24.60
C GLY A 24 10.53 -15.06 -23.72
N GLU A 25 11.80 -15.41 -23.60
CA GLU A 25 12.21 -16.56 -22.79
C GLU A 25 12.60 -16.15 -21.37
N GLU A 26 12.45 -14.86 -21.05
CA GLU A 26 12.83 -14.36 -19.73
C GLU A 26 11.63 -14.08 -18.81
N GLU A 27 11.60 -14.75 -17.67
CA GLU A 27 10.54 -14.53 -16.70
C GLU A 27 11.17 -14.17 -15.37
N ARG A 28 10.66 -13.13 -14.73
CA ARG A 28 11.19 -12.67 -13.45
C ARG A 28 10.08 -12.45 -12.43
N GLY A 29 10.39 -12.72 -11.18
CA GLY A 29 9.45 -12.53 -10.08
C GLY A 29 10.16 -11.61 -9.10
N MET A 30 9.40 -10.75 -8.42
CA MET A 30 9.99 -9.81 -7.46
C MET A 30 9.03 -9.52 -6.32
N THR A 31 9.51 -9.68 -5.08
CA THR A 31 8.69 -9.43 -3.92
C THR A 31 8.48 -7.93 -3.75
N ALA A 32 7.26 -7.54 -3.41
CA ALA A 32 6.94 -6.13 -3.22
C ALA A 32 5.87 -5.94 -2.16
N THR A 33 6.11 -5.01 -1.25
CA THR A 33 5.13 -4.70 -0.23
C THR A 33 4.44 -3.40 -0.63
N ALA A 34 5.08 -2.67 -1.55
CA ALA A 34 4.52 -1.40 -2.05
C ALA A 34 3.49 -1.68 -3.13
N PHE A 35 2.28 -1.99 -2.68
CA PHE A 35 1.15 -2.31 -3.54
C PHE A 35 -0.09 -1.66 -2.94
N MET A 36 -0.99 -1.19 -3.78
CA MET A 36 -2.23 -0.60 -3.29
C MET A 36 -3.31 -0.62 -4.35
N SER A 37 -4.55 -0.69 -3.91
CA SER A 37 -5.69 -0.67 -4.82
C SER A 37 -5.74 0.77 -5.30
N LEU A 38 -6.17 0.99 -6.53
CA LEU A 38 -6.22 2.34 -7.05
C LEU A 38 -7.57 2.78 -7.57
N SER A 39 -8.23 1.92 -8.36
CA SER A 39 -9.52 2.28 -8.93
C SER A 39 -10.42 1.07 -9.16
N LEU A 40 -11.73 1.30 -9.17
CA LEU A 40 -12.69 0.23 -9.42
C LEU A 40 -13.12 0.30 -10.87
N GLU A 41 -13.36 1.51 -11.35
CA GLU A 41 -13.75 1.73 -12.73
C GLU A 41 -12.90 2.82 -13.35
N PRO A 42 -11.87 2.43 -14.13
CA PRO A 42 -11.51 1.04 -14.44
C PRO A 42 -10.83 0.35 -13.25
N PRO A 43 -10.78 -0.99 -13.27
CA PRO A 43 -10.14 -1.75 -12.18
C PRO A 43 -8.62 -1.63 -12.27
N LEU A 44 -8.04 -0.78 -11.43
CA LEU A 44 -6.60 -0.54 -11.44
C LEU A 44 -5.93 -0.78 -10.09
N VAL A 45 -4.66 -1.16 -10.14
CA VAL A 45 -3.85 -1.36 -8.94
C VAL A 45 -2.53 -0.62 -9.20
N ALA A 46 -1.86 -0.19 -8.12
CA ALA A 46 -0.59 0.51 -8.26
C ALA A 46 0.50 -0.18 -7.45
N LEU A 47 1.72 -0.12 -7.98
CA LEU A 47 2.88 -0.73 -7.35
C LEU A 47 4.09 0.17 -7.52
N ALA A 48 5.05 0.04 -6.61
CA ALA A 48 6.29 0.79 -6.69
C ALA A 48 7.35 -0.28 -6.97
N VAL A 49 8.04 -0.15 -8.10
CA VAL A 49 9.06 -1.11 -8.49
C VAL A 49 10.39 -0.37 -8.57
N SER A 50 11.41 -0.91 -7.92
CA SER A 50 12.72 -0.27 -7.94
C SER A 50 13.25 -0.08 -9.34
N GLU A 51 13.87 1.08 -9.57
CA GLU A 51 14.46 1.37 -10.87
C GLU A 51 15.66 0.45 -11.09
N ARG A 52 16.11 -0.20 -10.02
CA ARG A 52 17.24 -1.13 -10.07
C ARG A 52 16.78 -2.57 -10.34
N ALA A 53 15.48 -2.81 -10.20
CA ALA A 53 14.94 -4.16 -10.38
C ALA A 53 15.07 -4.78 -11.76
N LYS A 54 15.50 -6.03 -11.79
CA LYS A 54 15.65 -6.77 -13.04
C LYS A 54 14.27 -7.01 -13.66
N LEU A 55 13.24 -7.02 -12.82
CA LEU A 55 11.87 -7.23 -13.28
C LEU A 55 11.32 -6.08 -14.11
N LEU A 56 11.72 -4.86 -13.79
CA LEU A 56 11.21 -3.68 -14.47
C LEU A 56 11.26 -3.72 -16.01
N PRO A 57 12.44 -3.90 -16.59
CA PRO A 57 12.48 -3.94 -18.06
C PRO A 57 11.68 -5.08 -18.69
N VAL A 58 11.55 -6.19 -17.97
CA VAL A 58 10.78 -7.33 -18.49
C VAL A 58 9.31 -6.97 -18.49
N LEU A 59 8.87 -6.33 -17.41
CA LEU A 59 7.48 -5.92 -17.27
C LEU A 59 7.13 -4.84 -18.31
N GLU A 60 8.05 -3.90 -18.54
CA GLU A 60 7.83 -2.84 -19.51
C GLU A 60 7.68 -3.44 -20.91
N GLY A 61 8.56 -4.36 -21.25
CA GLY A 61 8.51 -4.99 -22.55
C GLY A 61 7.33 -5.90 -22.76
N ALA A 62 6.90 -6.59 -21.70
CA ALA A 62 5.77 -7.51 -21.80
C ALA A 62 4.45 -6.77 -21.93
N GLY A 63 4.34 -5.62 -21.25
CA GLY A 63 3.11 -4.86 -21.29
C GLY A 63 2.03 -5.56 -20.47
N ALA A 64 2.46 -6.47 -19.60
CA ALA A 64 1.56 -7.22 -18.76
C ALA A 64 2.33 -7.83 -17.61
N PHE A 65 1.64 -8.13 -16.51
CA PHE A 65 2.29 -8.74 -15.36
C PHE A 65 1.26 -9.32 -14.41
N THR A 66 1.74 -10.06 -13.40
CA THR A 66 0.84 -10.64 -12.42
C THR A 66 1.25 -10.18 -11.04
N VAL A 67 0.29 -10.22 -10.12
CA VAL A 67 0.55 -9.85 -8.74
C VAL A 67 -0.09 -10.93 -7.90
N SER A 68 0.74 -11.61 -7.10
CA SER A 68 0.26 -12.67 -6.22
C SER A 68 0.31 -12.20 -4.78
N LEU A 69 -0.82 -12.32 -4.07
CA LEU A 69 -0.88 -11.91 -2.66
C LEU A 69 -0.56 -13.14 -1.83
N LEU A 70 0.56 -13.08 -1.11
CA LEU A 70 1.00 -14.22 -0.30
C LEU A 70 0.19 -14.49 0.97
N ARG A 71 0.01 -15.77 1.27
CA ARG A 71 -0.73 -16.16 2.45
C ARG A 71 0.23 -16.51 3.58
N GLU A 72 -0.33 -16.64 4.78
CA GLU A 72 0.46 -16.99 5.95
C GLU A 72 1.17 -18.32 5.64
N GLY A 73 2.46 -18.38 5.92
CA GLY A 73 3.20 -19.60 5.65
C GLY A 73 4.03 -19.54 4.38
N GLN A 74 3.92 -18.46 3.61
CA GLN A 74 4.67 -18.33 2.38
C GLN A 74 5.89 -17.40 2.51
N GLU A 75 6.43 -17.32 3.71
CA GLU A 75 7.60 -16.48 3.96
C GLU A 75 8.75 -16.86 3.04
N ALA A 76 8.93 -18.16 2.80
CA ALA A 76 10.02 -18.62 1.94
C ALA A 76 9.86 -18.07 0.53
N VAL A 77 8.63 -17.95 0.05
CA VAL A 77 8.38 -17.42 -1.29
C VAL A 77 8.79 -15.95 -1.33
N SER A 78 8.42 -15.22 -0.30
CA SER A 78 8.75 -13.80 -0.20
C SER A 78 10.27 -13.62 -0.17
N GLU A 79 10.96 -14.41 0.65
CA GLU A 79 12.41 -14.32 0.73
C GLU A 79 13.05 -14.63 -0.62
N HIS A 80 12.60 -15.70 -1.24
CA HIS A 80 13.13 -16.11 -2.53
C HIS A 80 13.07 -15.01 -3.57
N PHE A 81 11.89 -14.41 -3.76
CA PHE A 81 11.75 -13.37 -4.76
C PHE A 81 12.23 -12.00 -4.30
N ALA A 82 12.83 -11.97 -3.10
CA ALA A 82 13.38 -10.74 -2.55
C ALA A 82 14.89 -10.80 -2.74
N GLY A 83 15.37 -11.86 -3.38
CA GLY A 83 16.80 -11.99 -3.60
C GLY A 83 17.54 -12.97 -2.70
N ARG A 84 16.81 -13.66 -1.84
CA ARG A 84 17.43 -14.64 -0.94
C ARG A 84 16.85 -16.02 -1.28
N PRO A 85 17.45 -16.69 -2.28
CA PRO A 85 17.06 -18.01 -2.78
C PRO A 85 16.66 -19.06 -1.76
N LYS A 86 15.61 -19.81 -2.10
CA LYS A 86 15.09 -20.88 -1.27
C LYS A 86 14.83 -22.09 -2.16
N GLU A 87 15.22 -23.26 -1.68
CA GLU A 87 15.06 -24.50 -2.45
C GLU A 87 13.66 -24.81 -2.94
N GLY A 88 13.56 -25.09 -4.24
CA GLY A 88 12.29 -25.46 -4.84
C GLY A 88 11.25 -24.40 -5.13
N ILE A 89 11.52 -23.16 -4.77
CA ILE A 89 10.54 -22.10 -5.01
C ILE A 89 10.56 -21.69 -6.48
N ALA A 90 9.38 -21.60 -7.06
CA ALA A 90 9.27 -21.22 -8.47
C ALA A 90 7.87 -20.75 -8.84
N LEU A 91 7.80 -19.96 -9.90
CA LEU A 91 6.53 -19.47 -10.39
C LEU A 91 5.86 -20.58 -11.19
N GLU A 92 4.54 -20.60 -11.19
CA GLU A 92 3.77 -21.59 -11.93
C GLU A 92 2.72 -20.79 -12.68
N GLU A 93 2.67 -20.94 -14.00
CA GLU A 93 1.72 -20.21 -14.82
C GLU A 93 1.91 -18.71 -14.65
N GLY A 94 3.16 -18.29 -14.50
CA GLY A 94 3.49 -16.88 -14.36
C GLY A 94 3.11 -16.22 -13.04
N ARG A 95 2.76 -17.02 -12.04
CA ARG A 95 2.41 -16.47 -10.74
C ARG A 95 2.74 -17.43 -9.61
N VAL A 96 2.38 -17.06 -8.39
CA VAL A 96 2.65 -17.91 -7.23
C VAL A 96 1.47 -18.82 -6.93
N LYS A 97 1.72 -20.12 -6.96
CA LYS A 97 0.68 -21.10 -6.67
C LYS A 97 0.38 -21.10 -5.18
N GLY A 98 -0.90 -21.26 -4.83
CA GLY A 98 -1.28 -21.29 -3.43
C GLY A 98 -1.37 -19.93 -2.76
N ALA A 99 -1.35 -18.86 -3.55
CA ALA A 99 -1.46 -17.51 -2.97
C ALA A 99 -2.91 -17.24 -2.61
N LEU A 100 -3.15 -16.20 -1.82
CA LEU A 100 -4.52 -15.83 -1.43
C LEU A 100 -5.28 -15.36 -2.66
N ALA A 101 -4.56 -14.69 -3.55
CA ALA A 101 -5.17 -14.18 -4.77
C ALA A 101 -4.11 -13.81 -5.79
N VAL A 102 -4.50 -13.81 -7.06
CA VAL A 102 -3.60 -13.44 -8.14
C VAL A 102 -4.34 -12.47 -9.06
N LEU A 103 -3.68 -11.38 -9.40
CA LEU A 103 -4.25 -10.40 -10.31
C LEU A 103 -3.40 -10.44 -11.57
N ARG A 104 -4.04 -10.68 -12.71
CA ARG A 104 -3.30 -10.68 -13.99
C ARG A 104 -3.63 -9.33 -14.61
N CYS A 105 -2.61 -8.51 -14.76
CA CYS A 105 -2.79 -7.15 -15.27
C CYS A 105 -2.17 -6.83 -16.62
N ARG A 106 -2.80 -5.87 -17.29
CA ARG A 106 -2.29 -5.35 -18.54
C ARG A 106 -1.59 -4.08 -18.04
N LEU A 107 -0.42 -3.76 -18.58
CA LEU A 107 0.29 -2.56 -18.14
C LEU A 107 -0.51 -1.36 -18.63
N HIS A 108 -1.07 -0.60 -17.69
CA HIS A 108 -1.92 0.55 -18.01
C HIS A 108 -1.16 1.87 -18.15
N ALA A 109 -0.23 2.12 -17.22
CA ALA A 109 0.55 3.34 -17.25
C ALA A 109 1.75 3.23 -16.31
N LEU A 110 2.74 4.08 -16.55
CA LEU A 110 3.94 4.12 -15.73
C LEU A 110 4.23 5.58 -15.43
N TYR A 111 4.78 5.86 -14.24
CA TYR A 111 5.10 7.22 -13.86
C TYR A 111 6.40 7.26 -13.06
N PRO A 112 7.11 8.39 -13.11
CA PRO A 112 8.38 8.51 -12.36
C PRO A 112 8.06 8.39 -10.88
N GLY A 113 9.01 7.89 -10.10
CA GLY A 113 8.78 7.75 -8.68
C GLY A 113 10.06 7.81 -7.87
N GLY A 114 10.98 8.70 -8.27
CA GLY A 114 12.23 8.82 -7.55
C GLY A 114 13.12 7.64 -7.90
N ASP A 115 13.53 6.86 -6.89
CA ASP A 115 14.36 5.69 -7.16
C ASP A 115 13.50 4.49 -7.51
N HIS A 116 12.19 4.70 -7.59
CA HIS A 116 11.25 3.65 -7.97
C HIS A 116 10.39 4.12 -9.14
N ARG A 117 9.69 3.19 -9.77
CA ARG A 117 8.79 3.55 -10.86
C ARG A 117 7.39 3.22 -10.40
N ILE A 118 6.44 4.10 -10.68
CA ILE A 118 5.05 3.82 -10.31
C ILE A 118 4.49 3.00 -11.46
N VAL A 119 4.03 1.80 -11.14
CA VAL A 119 3.47 0.90 -12.14
C VAL A 119 1.98 0.72 -11.92
N VAL A 120 1.18 1.04 -12.92
CA VAL A 120 -0.26 0.90 -12.80
C VAL A 120 -0.73 -0.23 -13.72
N GLY A 121 -1.48 -1.16 -13.15
CA GLY A 121 -1.97 -2.27 -13.94
C GLY A 121 -3.48 -2.28 -14.01
N LEU A 122 -4.01 -2.68 -15.16
CA LEU A 122 -5.45 -2.78 -15.37
C LEU A 122 -5.73 -4.28 -15.21
N VAL A 123 -6.53 -4.62 -14.21
CA VAL A 123 -6.84 -6.01 -13.94
C VAL A 123 -7.77 -6.61 -14.98
N GLU A 124 -7.30 -7.68 -15.63
CA GLU A 124 -8.08 -8.36 -16.67
C GLU A 124 -8.56 -9.73 -16.19
N GLU A 125 -7.83 -10.31 -15.24
CA GLU A 125 -8.19 -11.61 -14.69
C GLU A 125 -7.89 -11.67 -13.21
N VAL A 126 -8.70 -12.41 -12.48
CA VAL A 126 -8.53 -12.59 -11.05
C VAL A 126 -8.60 -14.07 -10.70
N GLU A 127 -7.66 -14.50 -9.87
CA GLU A 127 -7.56 -15.87 -9.38
C GLU A 127 -7.68 -15.78 -7.85
N LEU A 128 -8.63 -16.51 -7.28
CA LEU A 128 -8.79 -16.50 -5.84
C LEU A 128 -8.44 -17.86 -5.27
N GLY A 129 -7.55 -17.87 -4.28
CA GLY A 129 -7.16 -19.11 -3.66
C GLY A 129 -8.11 -19.41 -2.51
N GLU A 130 -7.84 -20.49 -1.79
CA GLU A 130 -8.69 -20.84 -0.66
C GLU A 130 -8.51 -19.76 0.40
N GLY A 131 -9.55 -19.54 1.21
CA GLY A 131 -9.48 -18.53 2.25
C GLY A 131 -8.42 -18.78 3.30
N GLY A 132 -8.16 -17.77 4.13
CA GLY A 132 -7.16 -17.92 5.16
C GLY A 132 -6.39 -16.63 5.44
N PRO A 133 -5.60 -16.60 6.52
CA PRO A 133 -4.80 -15.43 6.92
C PRO A 133 -3.69 -15.12 5.91
N PRO A 134 -3.26 -13.85 5.86
CA PRO A 134 -2.20 -13.40 4.95
C PRO A 134 -0.81 -13.32 5.54
N LEU A 135 0.17 -13.16 4.67
CA LEU A 135 1.55 -12.97 5.13
C LEU A 135 1.58 -11.46 5.32
N VAL A 136 2.13 -11.01 6.44
CA VAL A 136 2.17 -9.58 6.74
C VAL A 136 3.59 -9.13 7.05
N TYR A 137 3.91 -7.89 6.71
CA TYR A 137 5.23 -7.35 7.01
C TYR A 137 5.03 -6.07 7.82
N PHE A 138 5.75 -5.97 8.92
CA PHE A 138 5.64 -4.81 9.80
C PHE A 138 6.87 -4.78 10.71
N GLN A 139 7.40 -3.59 10.93
CA GLN A 139 8.58 -3.44 11.78
C GLN A 139 9.72 -4.38 11.41
N ARG A 140 10.08 -4.36 10.12
CA ARG A 140 11.19 -5.14 9.59
C ARG A 140 11.14 -6.64 9.88
N GLY A 141 9.95 -7.21 9.81
CA GLY A 141 9.80 -8.64 10.05
C GLY A 141 8.44 -9.15 9.62
N TYR A 142 8.36 -10.45 9.39
CA TYR A 142 7.10 -11.07 8.99
C TYR A 142 6.24 -11.25 10.23
N ARG A 143 4.96 -10.94 10.08
CA ARG A 143 4.03 -11.02 11.19
C ARG A 143 2.80 -11.80 10.77
N ARG A 144 1.96 -12.11 11.76
CA ARG A 144 0.72 -12.83 11.50
C ARG A 144 -0.43 -12.03 12.09
N LEU A 145 -1.61 -12.19 11.52
CA LEU A 145 -2.79 -11.49 12.01
C LEU A 145 -3.48 -12.38 13.05
N VAL A 146 -4.15 -11.75 14.01
CA VAL A 146 -4.91 -12.50 14.99
C VAL A 146 -6.12 -12.84 14.12
N TRP A 147 -6.29 -14.11 13.83
CA TRP A 147 -7.36 -14.52 12.92
C TRP A 147 -7.93 -15.88 13.31
N PRO A 148 -9.27 -16.03 13.29
CA PRO A 148 -10.30 -15.05 12.93
C PRO A 148 -10.62 -14.03 14.03
N SER A 149 -11.45 -13.04 13.70
CA SER A 149 -11.87 -12.02 14.65
C SER A 149 -13.11 -11.31 14.12
N MET B 1 -20.91 -5.55 -8.87
CA MET B 1 -19.95 -5.58 -10.01
C MET B 1 -18.52 -5.76 -9.48
N LYS B 2 -17.63 -6.29 -10.31
CA LYS B 2 -16.22 -6.49 -9.95
C LYS B 2 -16.06 -7.26 -8.64
N GLU B 3 -16.95 -8.21 -8.39
CA GLU B 3 -16.91 -9.00 -7.16
C GLU B 3 -15.57 -9.69 -6.89
N ALA B 4 -15.03 -10.40 -7.88
CA ALA B 4 -13.75 -11.10 -7.71
C ALA B 4 -12.60 -10.14 -7.42
N PHE B 5 -12.56 -9.04 -8.15
CA PHE B 5 -11.51 -8.04 -7.96
C PHE B 5 -11.60 -7.47 -6.54
N LYS B 6 -12.80 -7.12 -6.11
CA LYS B 6 -12.99 -6.57 -4.77
C LYS B 6 -12.55 -7.57 -3.71
N GLU B 7 -12.83 -8.85 -3.93
CA GLU B 7 -12.46 -9.88 -2.97
C GLU B 7 -10.94 -10.00 -2.92
N ALA B 8 -10.28 -9.87 -4.07
CA ALA B 8 -8.83 -9.95 -4.10
C ALA B 8 -8.25 -8.82 -3.28
N LEU B 9 -8.80 -7.61 -3.45
CA LEU B 9 -8.32 -6.45 -2.72
C LEU B 9 -8.59 -6.62 -1.23
N ALA B 10 -9.69 -7.29 -0.89
CA ALA B 10 -10.05 -7.52 0.50
C ALA B 10 -9.06 -8.49 1.14
N ARG B 11 -8.21 -9.11 0.31
CA ARG B 11 -7.23 -10.05 0.81
C ARG B 11 -5.85 -9.44 0.94
N PHE B 12 -5.75 -8.13 0.72
CA PHE B 12 -4.47 -7.45 0.89
C PHE B 12 -4.55 -6.66 2.19
N ALA B 13 -3.84 -7.14 3.21
CA ALA B 13 -3.84 -6.48 4.50
C ALA B 13 -3.05 -5.19 4.40
N SER B 14 -3.43 -4.19 5.18
CA SER B 14 -2.71 -2.93 5.18
C SER B 14 -2.97 -2.16 6.46
N GLY B 15 -2.08 -1.23 6.75
CA GLY B 15 -2.28 -0.39 7.91
C GLY B 15 -3.35 0.59 7.48
N VAL B 16 -3.70 1.51 8.37
CA VAL B 16 -4.73 2.49 8.08
C VAL B 16 -4.13 3.87 8.35
N THR B 17 -4.34 4.78 7.41
CA THR B 17 -3.80 6.14 7.56
C THR B 17 -4.90 7.18 7.46
N VAL B 18 -4.56 8.39 7.88
CA VAL B 18 -5.46 9.52 7.79
C VAL B 18 -4.66 10.56 7.03
N VAL B 19 -5.15 10.96 5.86
CA VAL B 19 -4.48 11.96 5.04
C VAL B 19 -5.19 13.28 5.32
N ALA B 20 -4.42 14.32 5.64
CA ALA B 20 -5.00 15.62 5.95
C ALA B 20 -4.32 16.77 5.25
N ALA B 21 -5.06 17.84 5.02
CA ALA B 21 -4.53 19.02 4.37
C ALA B 21 -5.29 20.25 4.88
N ARG B 22 -4.63 21.40 4.87
CA ARG B 22 -5.26 22.62 5.34
C ARG B 22 -4.89 23.81 4.47
N LEU B 23 -5.89 24.64 4.19
CA LEU B 23 -5.70 25.86 3.41
C LEU B 23 -6.33 26.94 4.30
N GLY B 24 -5.50 27.73 4.96
CA GLY B 24 -6.00 28.76 5.85
C GLY B 24 -6.49 28.09 7.13
N GLU B 25 -7.79 28.17 7.37
CA GLU B 25 -8.38 27.55 8.56
C GLU B 25 -9.28 26.40 8.13
N GLU B 26 -9.28 26.11 6.82
CA GLU B 26 -10.08 25.03 6.27
C GLU B 26 -9.25 23.75 6.26
N GLU B 27 -9.55 22.84 7.17
CA GLU B 27 -8.81 21.59 7.27
C GLU B 27 -9.69 20.36 7.04
N ARG B 28 -9.16 19.40 6.28
CA ARG B 28 -9.91 18.18 5.97
C ARG B 28 -9.04 16.94 6.20
N GLY B 29 -9.66 15.91 6.76
CA GLY B 29 -8.96 14.66 7.01
C GLY B 29 -9.69 13.54 6.28
N MET B 30 -8.95 12.55 5.78
CA MET B 30 -9.57 11.46 5.05
C MET B 30 -8.86 10.14 5.31
N THR B 31 -9.62 9.14 5.74
CA THR B 31 -9.04 7.83 6.02
C THR B 31 -8.67 7.16 4.70
N ALA B 32 -7.51 6.52 4.68
CA ALA B 32 -7.05 5.83 3.47
C ALA B 32 -6.19 4.63 3.80
N THR B 33 -6.47 3.52 3.14
CA THR B 33 -5.68 2.31 3.29
C THR B 33 -4.74 2.23 2.09
N ALA B 34 -5.10 2.95 1.03
CA ALA B 34 -4.27 2.97 -0.19
C ALA B 34 -3.12 3.93 -0.02
N PHE B 35 -2.07 3.45 0.63
CA PHE B 35 -0.86 4.22 0.89
C PHE B 35 0.32 3.28 0.70
N MET B 36 1.42 3.80 0.17
CA MET B 36 2.60 2.97 0.01
C MET B 36 3.85 3.81 -0.06
N SER B 37 4.97 3.23 0.36
CA SER B 37 6.23 3.94 0.30
C SER B 37 6.57 3.94 -1.18
N LEU B 38 7.34 4.92 -1.62
CA LEU B 38 7.68 4.99 -3.03
C LEU B 38 9.17 5.12 -3.29
N SER B 39 9.81 6.07 -2.63
CA SER B 39 11.24 6.32 -2.86
C SER B 39 11.97 6.76 -1.59
N LEU B 40 13.28 6.51 -1.56
CA LEU B 40 14.10 6.90 -0.43
C LEU B 40 14.86 8.17 -0.81
N GLU B 41 15.40 8.19 -2.03
CA GLU B 41 16.13 9.34 -2.55
C GLU B 41 15.54 9.79 -3.88
N PRO B 42 14.68 10.83 -3.89
CA PRO B 42 14.22 11.60 -2.72
C PRO B 42 13.19 10.79 -1.93
N PRO B 43 12.87 11.24 -0.71
CA PRO B 43 11.89 10.55 0.14
C PRO B 43 10.46 10.79 -0.34
N LEU B 44 9.87 9.78 -0.96
CA LEU B 44 8.53 9.91 -1.50
C LEU B 44 7.58 8.81 -1.05
N VAL B 45 6.30 9.16 -0.95
CA VAL B 45 5.25 8.21 -0.61
C VAL B 45 4.13 8.48 -1.60
N ALA B 46 3.27 7.48 -1.83
CA ALA B 46 2.17 7.64 -2.75
C ALA B 46 0.89 7.15 -2.10
N LEU B 47 -0.23 7.70 -2.55
CA LEU B 47 -1.51 7.27 -2.01
C LEU B 47 -2.60 7.56 -3.03
N ALA B 48 -3.71 6.86 -2.90
CA ALA B 48 -4.83 7.04 -3.82
C ALA B 48 -5.92 7.82 -3.12
N VAL B 49 -6.36 8.91 -3.75
CA VAL B 49 -7.43 9.74 -3.19
C VAL B 49 -8.55 9.77 -4.22
N SER B 50 -9.77 9.49 -3.79
CA SER B 50 -10.91 9.49 -4.70
C SER B 50 -11.05 10.84 -5.42
N GLU B 51 -11.40 10.78 -6.70
CA GLU B 51 -11.58 12.02 -7.47
C GLU B 51 -12.76 12.81 -6.91
N ARG B 52 -13.63 12.13 -6.18
CA ARG B 52 -14.81 12.77 -5.58
C ARG B 52 -14.59 13.13 -4.11
N ALA B 53 -13.37 12.96 -3.62
CA ALA B 53 -13.05 13.27 -2.21
C ALA B 53 -12.95 14.77 -1.97
N LYS B 54 -13.58 15.24 -0.90
CA LYS B 54 -13.53 16.66 -0.57
C LYS B 54 -12.11 17.07 -0.19
N LEU B 55 -11.29 16.10 0.19
CA LEU B 55 -9.91 16.38 0.56
C LEU B 55 -9.06 16.85 -0.61
N LEU B 56 -9.28 16.25 -1.77
CA LEU B 56 -8.48 16.55 -2.96
C LEU B 56 -8.29 18.04 -3.30
N PRO B 57 -9.38 18.80 -3.45
CA PRO B 57 -9.24 20.23 -3.77
C PRO B 57 -8.41 20.99 -2.74
N VAL B 58 -8.59 20.65 -1.47
CA VAL B 58 -7.86 21.31 -0.39
C VAL B 58 -6.39 20.93 -0.44
N LEU B 59 -6.12 19.66 -0.68
CA LEU B 59 -4.76 19.15 -0.74
C LEU B 59 -4.01 19.77 -1.92
N GLU B 60 -4.67 19.86 -3.07
CA GLU B 60 -4.04 20.43 -4.25
C GLU B 60 -3.84 21.93 -4.05
N GLY B 61 -4.82 22.58 -3.42
CA GLY B 61 -4.71 24.00 -3.18
C GLY B 61 -3.62 24.34 -2.18
N ALA B 62 -3.43 23.49 -1.18
CA ALA B 62 -2.41 23.71 -0.16
C ALA B 62 -1.01 23.33 -0.65
N GLY B 63 -0.95 22.36 -1.57
CA GLY B 63 0.34 21.92 -2.09
C GLY B 63 1.13 21.17 -1.03
N ALA B 64 0.44 20.73 0.01
CA ALA B 64 1.07 20.01 1.11
C ALA B 64 0.02 19.23 1.88
N PHE B 65 0.45 18.21 2.61
CA PHE B 65 -0.46 17.38 3.39
C PHE B 65 0.29 16.52 4.39
N THR B 66 -0.46 15.87 5.28
CA THR B 66 0.16 14.99 6.26
C THR B 66 -0.47 13.60 6.17
N VAL B 67 0.29 12.60 6.59
CA VAL B 67 -0.20 11.22 6.61
C VAL B 67 0.10 10.66 7.99
N SER B 68 -0.95 10.27 8.71
CA SER B 68 -0.80 9.70 10.05
C SER B 68 -1.10 8.21 10.00
N LEU B 69 -0.18 7.41 10.55
CA LEU B 69 -0.34 5.96 10.57
C LEU B 69 -0.99 5.57 11.90
N LEU B 70 -2.21 5.06 11.83
CA LEU B 70 -2.95 4.70 13.03
C LEU B 70 -2.49 3.45 13.77
N ARG B 71 -2.59 3.49 15.09
CA ARG B 71 -2.17 2.36 15.91
C ARG B 71 -3.36 1.52 16.35
N GLU B 72 -3.07 0.36 16.94
CA GLU B 72 -4.11 -0.53 17.42
C GLU B 72 -4.96 0.25 18.42
N GLY B 73 -6.28 0.14 18.29
CA GLY B 73 -7.17 0.83 19.19
C GLY B 73 -7.70 2.16 18.65
N GLN B 74 -7.22 2.58 17.48
CA GLN B 74 -7.67 3.84 16.90
C GLN B 74 -8.77 3.70 15.86
N GLU B 75 -9.60 2.67 15.98
CA GLU B 75 -10.69 2.45 15.04
C GLU B 75 -11.61 3.67 14.95
N ALA B 76 -11.86 4.31 16.09
CA ALA B 76 -12.72 5.49 16.12
C ALA B 76 -12.19 6.61 15.23
N VAL B 77 -10.88 6.79 15.22
CA VAL B 77 -10.26 7.82 14.39
C VAL B 77 -10.46 7.46 12.93
N SER B 78 -10.25 6.19 12.58
CA SER B 78 -10.42 5.73 11.22
C SER B 78 -11.85 5.93 10.73
N GLU B 79 -12.81 5.54 11.55
CA GLU B 79 -14.21 5.68 11.19
C GLU B 79 -14.59 7.15 10.99
N HIS B 80 -14.16 7.99 11.91
CA HIS B 80 -14.46 9.42 11.85
C HIS B 80 -14.03 10.06 10.54
N PHE B 81 -12.77 9.88 10.18
CA PHE B 81 -12.27 10.47 8.94
C PHE B 81 -12.66 9.69 7.68
N ALA B 82 -13.48 8.66 7.87
CA ALA B 82 -13.98 7.86 6.76
C ALA B 82 -15.39 8.36 6.44
N GLY B 83 -15.82 9.38 7.17
CA GLY B 83 -17.15 9.95 6.93
C GLY B 83 -18.20 9.51 7.92
N ARG B 84 -17.77 8.82 8.97
CA ARG B 84 -18.68 8.34 10.01
C ARG B 84 -18.27 8.98 11.34
N PRO B 85 -18.70 10.23 11.56
CA PRO B 85 -18.43 11.06 12.75
C PRO B 85 -18.40 10.36 14.11
N LYS B 86 -17.44 10.78 14.93
CA LYS B 86 -17.25 10.25 16.27
C LYS B 86 -16.91 11.41 17.19
N GLU B 87 -17.35 11.34 18.44
CA GLU B 87 -17.06 12.42 19.38
C GLU B 87 -15.62 12.40 19.89
N GLY B 88 -15.12 13.59 20.22
CA GLY B 88 -13.76 13.70 20.74
C GLY B 88 -12.65 13.48 19.73
N ILE B 89 -12.98 13.42 18.45
CA ILE B 89 -11.97 13.22 17.41
C ILE B 89 -11.72 14.48 16.59
N ALA B 90 -10.48 14.92 16.56
CA ALA B 90 -10.12 16.12 15.81
C ALA B 90 -8.62 16.15 15.53
N LEU B 91 -8.25 16.66 14.36
CA LEU B 91 -6.85 16.77 13.98
C LEU B 91 -6.19 17.80 14.89
N GLU B 92 -4.91 17.60 15.17
CA GLU B 92 -4.12 18.52 15.98
C GLU B 92 -2.82 18.72 15.22
N GLU B 93 -2.45 19.99 15.00
CA GLU B 93 -1.24 20.31 14.26
C GLU B 93 -1.35 19.73 12.85
N GLY B 94 -2.59 19.59 12.38
CA GLY B 94 -2.83 19.08 11.04
C GLY B 94 -2.65 17.58 10.88
N ARG B 95 -2.60 16.86 12.00
CA ARG B 95 -2.43 15.41 11.95
C ARG B 95 -3.13 14.72 13.11
N VAL B 96 -3.03 13.39 13.16
CA VAL B 96 -3.67 12.63 14.23
C VAL B 96 -2.73 12.46 15.43
N LYS B 97 -3.17 12.94 16.59
CA LYS B 97 -2.37 12.82 17.80
C LYS B 97 -2.39 11.37 18.26
N GLY B 98 -1.26 10.88 18.74
CA GLY B 98 -1.16 9.51 19.22
C GLY B 98 -0.98 8.44 18.16
N ALA B 99 -0.73 8.83 16.92
CA ALA B 99 -0.52 7.85 15.86
C ALA B 99 0.86 7.20 15.97
N LEU B 100 1.07 6.11 15.24
CA LEU B 100 2.38 5.45 15.27
C LEU B 100 3.42 6.36 14.64
N ALA B 101 3.01 7.13 13.64
CA ALA B 101 3.92 8.03 12.94
C ALA B 101 3.17 9.03 12.09
N VAL B 102 3.82 10.15 11.80
CA VAL B 102 3.23 11.19 10.96
C VAL B 102 4.27 11.62 9.93
N LEU B 103 3.83 11.76 8.69
CA LEU B 103 4.69 12.21 7.60
C LEU B 103 4.12 13.52 7.10
N ARG B 104 4.92 14.58 7.14
CA ARG B 104 4.47 15.88 6.64
C ARG B 104 5.11 15.99 5.27
N CYS B 105 4.27 16.11 4.24
CA CYS B 105 4.74 16.16 2.86
C CYS B 105 4.36 17.40 2.08
N ARG B 106 5.16 17.71 1.08
CA ARG B 106 4.81 18.80 0.18
C ARG B 106 4.38 18.02 -1.06
N LEU B 107 3.40 18.54 -1.79
CA LEU B 107 2.92 17.85 -2.98
C LEU B 107 4.01 17.78 -4.04
N HIS B 108 4.34 16.56 -4.46
CA HIS B 108 5.38 16.33 -5.46
C HIS B 108 4.76 16.13 -6.84
N ALA B 109 3.68 15.36 -6.90
CA ALA B 109 3.03 15.11 -8.17
C ALA B 109 1.61 14.56 -8.03
N LEU B 110 0.85 14.67 -9.11
CA LEU B 110 -0.51 14.17 -9.18
C LEU B 110 -0.60 13.45 -10.52
N TYR B 111 -0.92 12.16 -10.49
CA TYR B 111 -1.02 11.39 -11.71
C TYR B 111 -2.39 10.74 -11.82
N PRO B 112 -2.84 10.46 -13.05
CA PRO B 112 -4.15 9.82 -13.26
C PRO B 112 -4.24 8.47 -12.56
N GLY B 113 -5.41 8.15 -12.04
CA GLY B 113 -5.59 6.88 -11.35
C GLY B 113 -6.99 6.33 -11.48
N GLY B 114 -7.60 6.47 -12.66
CA GLY B 114 -8.95 5.97 -12.84
C GLY B 114 -9.91 6.83 -12.06
N ASP B 115 -10.69 6.23 -11.16
CA ASP B 115 -11.63 7.02 -10.35
C ASP B 115 -10.96 7.62 -9.13
N HIS B 116 -9.64 7.47 -9.04
CA HIS B 116 -8.85 8.03 -7.95
C HIS B 116 -7.68 8.77 -8.58
N ARG B 117 -7.03 9.62 -7.80
CA ARG B 117 -5.86 10.34 -8.30
C ARG B 117 -4.68 9.78 -7.52
N ILE B 118 -3.53 9.63 -8.18
CA ILE B 118 -2.33 9.16 -7.49
C ILE B 118 -1.68 10.41 -6.93
N VAL B 119 -1.56 10.48 -5.62
CA VAL B 119 -0.96 11.63 -4.96
C VAL B 119 0.41 11.26 -4.42
N VAL B 120 1.43 11.95 -4.90
CA VAL B 120 2.80 11.69 -4.47
C VAL B 120 3.28 12.84 -3.59
N GLY B 121 3.83 12.47 -2.43
CA GLY B 121 4.33 13.48 -1.52
C GLY B 121 5.81 13.33 -1.24
N LEU B 122 6.47 14.47 -1.06
CA LEU B 122 7.89 14.51 -0.72
C LEU B 122 7.91 14.75 0.78
N VAL B 123 8.44 13.79 1.53
CA VAL B 123 8.48 13.90 2.98
C VAL B 123 9.51 14.93 3.46
N GLU B 124 9.03 15.96 4.13
CA GLU B 124 9.90 17.01 4.65
C GLU B 124 10.06 16.95 6.16
N GLU B 125 9.12 16.30 6.83
CA GLU B 125 9.16 16.21 8.28
C GLU B 125 8.54 14.89 8.74
N VAL B 126 9.09 14.33 9.80
CA VAL B 126 8.60 13.07 10.35
C VAL B 126 8.43 13.17 11.86
N GLU B 127 7.34 12.60 12.35
CA GLU B 127 7.03 12.57 13.77
C GLU B 127 6.76 11.10 14.11
N LEU B 128 7.34 10.63 15.22
CA LEU B 128 7.15 9.24 15.63
C LEU B 128 6.52 9.15 17.00
N GLY B 129 5.46 8.35 17.12
CA GLY B 129 4.80 8.18 18.40
C GLY B 129 5.43 7.01 19.13
N GLU B 130 4.81 6.57 20.21
CA GLU B 130 5.33 5.43 20.95
C GLU B 130 5.22 4.20 20.07
N GLY B 131 6.04 3.20 20.36
CA GLY B 131 6.00 1.97 19.58
C GLY B 131 4.72 1.20 19.91
N GLY B 132 4.56 0.03 19.30
CA GLY B 132 3.38 -0.76 19.55
C GLY B 132 2.75 -1.27 18.27
N PRO B 133 1.72 -2.13 18.38
CA PRO B 133 1.02 -2.69 17.22
C PRO B 133 0.20 -1.66 16.46
N PRO B 134 -0.02 -1.90 15.17
CA PRO B 134 -0.79 -1.00 14.30
C PRO B 134 -2.26 -1.36 14.11
N LEU B 135 -3.00 -0.45 13.50
CA LEU B 135 -4.39 -0.71 13.18
C LEU B 135 -4.27 -1.35 11.80
N VAL B 136 -4.93 -2.49 11.61
CA VAL B 136 -4.84 -3.19 10.32
C VAL B 136 -6.24 -3.39 9.74
N TYR B 137 -6.31 -3.37 8.41
CA TYR B 137 -7.58 -3.59 7.73
C TYR B 137 -7.39 -4.78 6.81
N PHE B 138 -8.26 -5.78 6.94
CA PHE B 138 -8.18 -6.99 6.14
C PHE B 138 -9.55 -7.64 6.14
N GLN B 139 -9.98 -8.12 4.99
CA GLN B 139 -11.29 -8.78 4.88
C GLN B 139 -12.43 -7.93 5.44
N ARG B 140 -12.50 -6.69 4.97
CA ARG B 140 -13.55 -5.74 5.34
C ARG B 140 -13.76 -5.50 6.84
N GLY B 141 -12.66 -5.48 7.59
CA GLY B 141 -12.77 -5.25 9.01
C GLY B 141 -11.44 -4.89 9.64
N TYR B 142 -11.49 -4.31 10.82
CA TYR B 142 -10.28 -3.93 11.53
C TYR B 142 -9.72 -5.18 12.18
N ARG B 143 -8.41 -5.39 12.05
CA ARG B 143 -7.78 -6.57 12.61
C ARG B 143 -6.59 -6.17 13.46
N ARG B 144 -6.10 -7.14 14.24
CA ARG B 144 -4.96 -6.90 15.11
C ARG B 144 -3.86 -7.88 14.71
N LEU B 145 -2.62 -7.50 14.98
CA LEU B 145 -1.48 -8.35 14.69
C LEU B 145 -1.15 -9.17 15.92
N VAL B 146 -0.54 -10.34 15.72
CA VAL B 146 -0.10 -11.17 16.84
C VAL B 146 1.10 -10.36 17.32
N TRP B 147 1.03 -9.86 18.55
CA TRP B 147 2.09 -9.02 19.10
C TRP B 147 2.02 -9.22 20.61
N PRO B 148 2.37 -10.42 21.09
CA PRO B 148 2.34 -10.75 22.51
C PRO B 148 3.47 -10.20 23.37
N SER B 149 3.23 -10.22 24.68
CA SER B 149 4.21 -9.76 25.66
C SER B 149 4.72 -10.99 26.41
#